data_6I5R
#
_entry.id   6I5R
#
_cell.length_a   55.560
_cell.length_b   74.500
_cell.length_c   102.370
_cell.angle_alpha   90.000
_cell.angle_beta   90.000
_cell.angle_gamma   90.000
#
_symmetry.space_group_name_H-M   'P 21 21 21'
#
loop_
_entity.id
_entity.type
_entity.pdbx_description
1 polymer 'Sugar ABC transporter substrate-binding protein, BlMnBP1'
2 branched beta-D-mannopyranose-(1-4)-beta-D-mannopyranose
3 non-polymer 'ZINC ION'
4 water water
#
_entity_poly.entity_id   1
_entity_poly.type   'polypeptide(L)'
_entity_poly.pdbx_seq_one_letter_code
;GAACGGDDKGGAKTAEGNKTGITYPEIKLGETGKDIKTTITFMNNRTDMNLDTYPGKNWKSYIEDFNKMYPNITVKVQTD
SNYADSALTRLQANNDSWDIMMIPAVDKSEFSNYFVPYGETSEMEKVIKLADEKAYDGQTYGIANNGVTAGIVYNKKVFE
EAGIKELPKTPEEFQADLKLIKEKTKAVPLYTNFVEDWAMGAWDQYIAGNATGDPKFMNQVLPTTKEPFKKDASAPDTHP
YAVYKTLYDAVANGYTEEDYSTTDWESSKGKMNNGEIATMVLGAWAVPQMKQAGDHPDDIGYMPFPITVDGKQYATIAGD
YSYGINKNISKEKQEASMIFVKWMTEDSGFAKNEGGIPIKADDESMPETYETFSDVELITDAPAKEGQEDLLANVNSDSE
LGINNGNGKKIQDIVVDAANRTRTIDQIMDEWNQKWAKAVEDNE
;
_entity_poly.pdbx_strand_id   A
#
# COMPACT_ATOMS: atom_id res chain seq x y z
N GLY A 17 15.97 -7.22 20.27
CA GLY A 17 16.73 -6.94 19.06
C GLY A 17 17.46 -5.61 19.11
N ASN A 18 17.00 -4.71 19.99
CA ASN A 18 17.56 -3.36 20.09
C ASN A 18 18.85 -3.42 20.91
N LYS A 19 19.98 -3.15 20.26
CA LYS A 19 21.27 -3.16 20.95
C LYS A 19 21.61 -1.81 21.54
N THR A 20 20.89 -0.76 21.20
CA THR A 20 21.31 0.61 21.49
C THR A 20 20.96 1.07 22.90
N GLY A 21 19.97 0.48 23.55
CA GLY A 21 19.50 1.02 24.82
C GLY A 21 18.59 2.21 24.70
N ILE A 22 18.20 2.59 23.49
CA ILE A 22 17.44 3.81 23.21
C ILE A 22 16.19 3.44 22.42
N THR A 23 15.03 3.87 22.91
CA THR A 23 13.82 3.69 22.12
C THR A 23 13.59 4.91 21.25
N TYR A 24 12.77 4.73 20.23
CA TYR A 24 12.49 5.82 19.29
C TYR A 24 11.98 7.09 19.95
N PRO A 25 11.03 7.06 20.89
CA PRO A 25 10.58 8.33 21.50
C PRO A 25 11.70 9.06 22.27
N GLU A 26 12.76 8.34 22.67
CA GLU A 26 13.86 8.86 23.48
C GLU A 26 14.89 9.61 22.65
N ILE A 27 14.78 9.55 21.31
CA ILE A 27 15.72 10.24 20.43
C ILE A 27 15.31 11.71 20.36
N LYS A 28 16.27 12.59 20.63
CA LYS A 28 16.12 14.03 20.42
C LYS A 28 16.86 14.39 19.14
N LEU A 29 16.13 14.49 18.04
CA LEU A 29 16.76 14.79 16.75
C LEU A 29 17.59 16.09 16.80
N GLY A 30 18.87 16.00 16.39
CA GLY A 30 19.78 17.14 16.49
C GLY A 30 20.65 17.10 17.71
N GLU A 31 20.35 16.24 18.65
CA GLU A 31 21.19 16.10 19.84
C GLU A 31 21.65 14.67 20.03
N THR A 32 20.72 13.73 19.96
CA THR A 32 21.06 12.33 20.13
C THR A 32 21.88 11.81 18.95
N GLY A 33 22.94 11.05 19.25
CA GLY A 33 23.71 10.43 18.22
C GLY A 33 24.62 11.33 17.45
N LYS A 34 24.79 12.57 17.92
CA LYS A 34 25.59 13.53 17.12
C LYS A 34 27.07 13.16 16.96
N ASP A 35 27.58 12.28 17.85
CA ASP A 35 28.96 11.80 17.83
C ASP A 35 29.15 10.62 16.90
N ILE A 36 28.09 10.13 16.29
CA ILE A 36 28.22 8.91 15.50
C ILE A 36 28.85 9.26 14.17
N LYS A 37 29.77 8.41 13.74
CA LYS A 37 30.37 8.44 12.41
C LYS A 37 30.20 7.05 11.80
N THR A 38 29.27 6.92 10.87
CA THR A 38 29.05 5.62 10.24
C THR A 38 28.30 5.81 8.93
N THR A 39 28.11 4.68 8.26
CA THR A 39 27.36 4.61 7.02
C THR A 39 26.29 3.54 7.15
N ILE A 40 25.09 3.87 6.70
CA ILE A 40 23.97 2.95 6.70
C ILE A 40 23.46 2.81 5.29
N THR A 41 22.96 1.60 4.98
CA THR A 41 22.42 1.24 3.68
C THR A 41 20.91 1.18 3.85
N PHE A 42 20.20 1.95 3.01
CA PHE A 42 18.76 2.13 3.08
C PHE A 42 18.17 1.53 1.80
N MET A 43 17.50 0.38 1.91
CA MET A 43 16.89 -0.27 0.76
C MET A 43 15.44 0.19 0.64
N ASN A 44 15.03 0.64 -0.54
CA ASN A 44 13.61 0.95 -0.71
C ASN A 44 13.18 0.70 -2.16
N ASN A 45 11.89 0.90 -2.41
CA ASN A 45 11.27 0.53 -3.67
C ASN A 45 11.20 1.68 -4.68
N ARG A 46 11.58 2.88 -4.27
CA ARG A 46 11.36 4.07 -5.09
C ARG A 46 12.55 4.27 -6.03
N THR A 47 12.63 3.38 -7.01
CA THR A 47 13.66 3.51 -8.05
C THR A 47 13.58 4.86 -8.72
N ASP A 48 12.36 5.37 -8.91
CA ASP A 48 12.20 6.67 -9.54
C ASP A 48 12.91 7.78 -8.76
N MET A 49 12.80 7.77 -7.43
CA MET A 49 13.48 8.78 -6.61
C MET A 49 14.99 8.60 -6.53
N ASN A 50 15.51 7.49 -7.02
CA ASN A 50 16.95 7.29 -7.03
C ASN A 50 17.59 7.82 -8.30
N LEU A 51 16.87 8.63 -9.07
CA LEU A 51 17.39 9.22 -10.29
C LEU A 51 17.49 10.73 -10.13
N ASP A 52 18.47 11.32 -10.80
CA ASP A 52 18.58 12.78 -10.76
C ASP A 52 17.42 13.47 -11.44
N THR A 53 16.72 12.80 -12.36
CA THR A 53 15.64 13.45 -13.10
C THR A 53 14.27 13.24 -12.47
N TYR A 54 14.21 12.71 -11.26
CA TYR A 54 12.93 12.63 -10.59
C TYR A 54 12.22 13.97 -10.60
N PRO A 55 11.00 14.06 -11.15
CA PRO A 55 10.30 15.36 -11.17
C PRO A 55 10.08 16.00 -9.79
N GLY A 56 10.27 15.28 -8.70
CA GLY A 56 10.07 15.86 -7.37
C GLY A 56 11.33 15.92 -6.54
N LYS A 57 11.20 15.86 -5.21
CA LYS A 57 12.35 15.81 -4.31
C LYS A 57 12.88 14.38 -4.25
N ASN A 58 14.09 14.15 -4.74
CA ASN A 58 14.61 12.79 -4.82
C ASN A 58 15.39 12.41 -3.56
N TRP A 59 15.88 11.17 -3.55
CA TRP A 59 16.55 10.68 -2.36
C TRP A 59 17.75 11.54 -2.02
N LYS A 60 18.54 11.93 -3.02
CA LYS A 60 19.74 12.72 -2.77
C LYS A 60 19.40 14.00 -2.05
N SER A 61 18.28 14.63 -2.42
CA SER A 61 17.84 15.88 -1.80
C SER A 61 17.45 15.68 -0.34
N TYR A 62 16.74 14.58 -0.05
CA TYR A 62 16.42 14.27 1.34
C TYR A 62 17.68 14.00 2.14
N ILE A 63 18.58 13.19 1.59
N ILE A 63 18.61 13.22 1.58
CA ILE A 63 19.79 12.85 2.33
CA ILE A 63 19.79 12.86 2.35
C ILE A 63 20.61 14.10 2.59
C ILE A 63 20.64 14.09 2.59
N GLU A 64 20.71 14.99 1.61
CA GLU A 64 21.38 16.26 1.82
C GLU A 64 20.75 17.03 2.98
N ASP A 65 19.43 17.13 3.00
CA ASP A 65 18.77 17.81 4.11
C ASP A 65 19.07 17.14 5.43
N PHE A 66 18.99 15.80 5.47
CA PHE A 66 19.34 15.08 6.68
C PHE A 66 20.78 15.37 7.09
N ASN A 67 21.69 15.47 6.12
CA ASN A 67 23.10 15.58 6.46
C ASN A 67 23.44 16.96 7.00
N LYS A 68 22.56 17.95 6.81
CA LYS A 68 22.76 19.22 7.49
C LYS A 68 22.64 19.05 9.00
N MET A 69 21.84 18.08 9.43
CA MET A 69 21.63 17.83 10.85
C MET A 69 22.58 16.77 11.40
N TYR A 70 22.91 15.75 10.58
CA TYR A 70 23.81 14.67 10.99
C TYR A 70 24.81 14.46 9.85
N PRO A 71 25.87 15.27 9.80
CA PRO A 71 26.79 15.19 8.64
C PRO A 71 27.62 13.92 8.63
N ASN A 72 27.78 13.25 9.75
CA ASN A 72 28.63 12.07 9.80
C ASN A 72 27.84 10.77 9.75
N ILE A 73 26.55 10.82 9.50
CA ILE A 73 25.78 9.63 9.17
C ILE A 73 25.57 9.65 7.67
N THR A 74 26.36 8.86 6.96
CA THR A 74 26.26 8.74 5.52
C THR A 74 25.19 7.70 5.18
N VAL A 75 24.26 8.09 4.34
CA VAL A 75 23.14 7.24 3.94
C VAL A 75 23.33 6.82 2.50
N LYS A 76 23.44 5.52 2.27
CA LYS A 76 23.56 4.96 0.92
C LYS A 76 22.24 4.33 0.54
N VAL A 77 21.67 4.77 -0.57
CA VAL A 77 20.34 4.31 -1.00
C VAL A 77 20.52 3.19 -2.02
N GLN A 78 19.77 2.11 -1.85
CA GLN A 78 19.68 1.05 -2.82
C GLN A 78 18.21 0.82 -3.20
N THR A 79 17.92 0.85 -4.49
CA THR A 79 16.56 0.66 -4.96
C THR A 79 16.53 -0.46 -5.99
N ASP A 80 15.47 -1.25 -5.95
CA ASP A 80 15.25 -2.40 -6.83
C ASP A 80 13.88 -2.31 -7.48
N SER A 81 13.80 -2.63 -8.79
CA SER A 81 12.49 -2.57 -9.43
C SER A 81 11.59 -3.68 -8.90
N ASN A 82 12.15 -4.86 -8.70
CA ASN A 82 11.40 -5.99 -8.15
C ASN A 82 11.52 -5.99 -6.62
N TYR A 83 11.02 -4.91 -6.01
CA TYR A 83 11.43 -4.62 -4.64
C TYR A 83 10.98 -5.71 -3.67
N ALA A 84 9.68 -6.04 -3.65
CA ALA A 84 9.19 -6.99 -2.67
C ALA A 84 10.03 -8.26 -2.66
N ASP A 85 10.35 -8.78 -3.84
CA ASP A 85 11.07 -10.04 -3.94
C ASP A 85 12.51 -9.90 -3.49
N SER A 86 13.18 -8.81 -3.90
CA SER A 86 14.59 -8.65 -3.55
C SER A 86 14.78 -8.32 -2.07
N ALA A 87 13.88 -7.53 -1.48
CA ALA A 87 13.94 -7.31 -0.03
C ALA A 87 13.74 -8.61 0.76
N LEU A 88 12.82 -9.47 0.31
CA LEU A 88 12.62 -10.69 1.09
C LEU A 88 13.84 -11.59 0.97
N THR A 89 14.41 -11.67 -0.22
CA THR A 89 15.65 -12.42 -0.40
C THR A 89 16.75 -11.92 0.54
N ARG A 90 16.97 -10.60 0.59
CA ARG A 90 18.02 -10.10 1.47
C ARG A 90 17.69 -10.40 2.92
N LEU A 91 16.41 -10.27 3.31
CA LEU A 91 16.02 -10.60 4.66
C LEU A 91 16.34 -12.06 4.99
N GLN A 92 16.09 -12.98 4.07
CA GLN A 92 16.32 -14.39 4.38
C GLN A 92 17.80 -14.78 4.35
N ALA A 93 18.68 -13.93 3.86
CA ALA A 93 20.11 -14.13 3.97
C ALA A 93 20.63 -13.86 5.38
N ASN A 94 19.89 -13.13 6.19
CA ASN A 94 20.16 -12.97 7.62
C ASN A 94 21.58 -12.49 7.90
N ASN A 95 21.94 -11.35 7.31
CA ASN A 95 23.29 -10.81 7.43
C ASN A 95 23.19 -9.32 7.78
N ASP A 96 24.30 -8.59 7.58
CA ASP A 96 24.36 -7.18 7.92
C ASP A 96 24.57 -6.29 6.70
N SER A 97 24.13 -6.75 5.54
CA SER A 97 24.35 -6.02 4.28
C SER A 97 23.35 -4.89 4.05
N TRP A 98 22.41 -4.69 4.95
CA TRP A 98 21.43 -3.62 4.85
C TRP A 98 21.23 -3.13 6.27
N ASP A 99 20.84 -1.89 6.41
CA ASP A 99 20.60 -1.33 7.73
C ASP A 99 19.15 -0.94 7.94
N ILE A 100 18.53 -0.34 6.92
CA ILE A 100 17.10 -0.06 6.89
C ILE A 100 16.56 -0.62 5.58
N MET A 101 15.40 -1.30 5.63
CA MET A 101 14.64 -1.61 4.44
C MET A 101 13.17 -1.30 4.69
N MET A 102 12.40 -1.22 3.60
CA MET A 102 10.95 -1.19 3.74
C MET A 102 10.51 -2.64 3.94
N ILE A 103 9.76 -2.89 5.01
CA ILE A 103 9.43 -4.24 5.42
C ILE A 103 8.60 -4.93 4.33
N PRO A 104 9.08 -6.08 3.84
CA PRO A 104 8.35 -6.83 2.81
C PRO A 104 7.31 -7.75 3.46
N ALA A 105 6.91 -8.81 2.74
CA ALA A 105 5.80 -9.62 3.21
C ALA A 105 6.28 -10.66 4.22
N VAL A 106 6.23 -10.25 5.51
CA VAL A 106 6.78 -10.99 6.65
C VAL A 106 5.69 -11.20 7.69
N ASP A 107 5.58 -12.44 8.22
CA ASP A 107 4.72 -12.74 9.35
C ASP A 107 5.09 -11.81 10.51
N LYS A 108 4.08 -11.13 11.06
CA LYS A 108 4.29 -10.33 12.25
C LYS A 108 5.04 -11.13 13.31
N SER A 109 4.62 -12.37 13.52
CA SER A 109 5.27 -13.18 14.53
C SER A 109 6.74 -13.38 14.25
N GLU A 110 7.22 -13.08 13.03
CA GLU A 110 8.63 -13.22 12.72
C GLU A 110 9.37 -11.88 12.75
N PHE A 111 8.70 -10.78 13.06
CA PHE A 111 9.37 -9.49 13.09
C PHE A 111 10.60 -9.53 13.99
N SER A 112 10.44 -10.07 15.20
CA SER A 112 11.56 -10.04 16.14
C SER A 112 12.74 -10.86 15.65
N ASN A 113 12.55 -11.75 14.67
CA ASN A 113 13.68 -12.50 14.12
C ASN A 113 14.51 -11.68 13.16
N TYR A 114 14.07 -10.49 12.82
CA TYR A 114 14.69 -9.68 11.78
C TYR A 114 14.89 -8.22 12.15
N PHE A 115 14.01 -7.61 12.95
CA PHE A 115 13.91 -6.17 13.02
C PHE A 115 14.10 -5.71 14.45
N VAL A 116 14.70 -4.53 14.56
CA VAL A 116 14.87 -3.87 15.86
C VAL A 116 13.53 -3.33 16.34
N PRO A 117 13.11 -3.61 17.56
CA PRO A 117 11.90 -2.94 18.06
C PRO A 117 12.18 -1.47 18.31
N TYR A 118 11.30 -0.61 17.79
CA TYR A 118 11.39 0.82 18.04
C TYR A 118 11.01 1.16 19.47
N GLY A 119 10.21 0.33 20.12
CA GLY A 119 9.67 0.65 21.43
C GLY A 119 8.33 -0.03 21.64
N GLU A 120 7.89 -0.04 22.89
CA GLU A 120 6.57 -0.56 23.20
C GLU A 120 5.55 0.12 22.30
N THR A 121 4.60 -0.65 21.77
CA THR A 121 3.59 -0.06 20.90
C THR A 121 2.78 1.01 21.63
N SER A 122 2.48 0.77 22.90
CA SER A 122 1.70 1.77 23.63
C SER A 122 2.44 3.08 23.75
N GLU A 123 3.79 3.04 23.85
CA GLU A 123 4.59 4.27 23.85
C GLU A 123 4.69 4.86 22.46
N MET A 124 4.80 4.01 21.42
CA MET A 124 4.94 4.52 20.06
C MET A 124 3.67 5.25 19.62
N GLU A 125 2.50 4.76 20.03
CA GLU A 125 1.29 5.41 19.57
C GLU A 125 1.18 6.85 20.08
N LYS A 126 2.03 7.24 21.03
CA LYS A 126 2.08 8.63 21.47
C LYS A 126 2.84 9.52 20.47
N VAL A 127 3.60 8.96 19.54
CA VAL A 127 4.47 9.78 18.72
C VAL A 127 4.37 9.44 17.24
N ILE A 128 3.72 8.33 16.90
CA ILE A 128 3.41 8.05 15.51
C ILE A 128 2.01 7.50 15.38
N LYS A 129 1.46 7.68 14.18
CA LYS A 129 0.25 6.99 13.73
C LYS A 129 0.58 5.55 13.30
N LEU A 130 -0.43 4.70 13.36
CA LEU A 130 -0.35 3.34 12.84
C LEU A 130 0.72 2.54 13.57
N ALA A 131 0.89 2.79 14.86
CA ALA A 131 1.94 2.15 15.62
C ALA A 131 1.75 0.66 15.75
N ASP A 132 0.52 0.16 15.65
CA ASP A 132 0.25 -1.26 15.82
C ASP A 132 0.15 -2.00 14.50
N GLU A 133 0.43 -1.32 13.39
CA GLU A 133 0.33 -1.97 12.08
C GLU A 133 1.46 -2.97 11.90
N LYS A 134 2.69 -2.58 12.21
CA LYS A 134 3.84 -3.47 12.16
C LYS A 134 4.35 -3.69 13.58
N ALA A 135 3.57 -4.44 14.35
CA ALA A 135 3.88 -4.68 15.75
C ALA A 135 3.58 -6.12 16.10
N TYR A 136 4.17 -6.57 17.21
CA TYR A 136 3.95 -7.94 17.65
C TYR A 136 4.36 -8.08 19.11
N ASP A 137 3.66 -8.96 19.83
CA ASP A 137 3.91 -9.18 21.27
C ASP A 137 4.20 -7.83 21.95
N GLY A 138 3.48 -6.77 21.56
CA GLY A 138 3.52 -5.48 22.24
C GLY A 138 4.65 -4.53 21.85
N GLN A 139 5.40 -4.87 20.82
CA GLN A 139 6.48 -4.01 20.34
C GLN A 139 6.19 -3.63 18.89
N THR A 140 6.53 -2.39 18.54
CA THR A 140 6.46 -1.89 17.17
C THR A 140 7.79 -2.06 16.45
N TYR A 141 7.75 -2.73 15.28
CA TYR A 141 8.93 -3.03 14.49
C TYR A 141 8.99 -2.28 13.15
N GLY A 142 7.93 -1.59 12.77
CA GLY A 142 7.94 -0.78 11.57
C GLY A 142 7.20 0.51 11.77
N ILE A 143 7.68 1.56 11.09
CA ILE A 143 7.04 2.86 11.04
C ILE A 143 6.68 3.15 9.59
N ALA A 144 5.44 3.55 9.34
CA ALA A 144 4.99 3.75 7.97
C ALA A 144 5.71 4.94 7.34
N ASN A 145 5.98 4.83 6.03
CA ASN A 145 6.62 5.92 5.31
C ASN A 145 5.64 7.09 5.13
N ASN A 146 4.37 6.78 4.89
CA ASN A 146 3.28 7.74 4.95
C ASN A 146 1.96 6.98 4.89
N GLY A 147 0.91 7.63 5.38
CA GLY A 147 -0.41 7.04 5.38
C GLY A 147 -1.04 7.25 4.02
N VAL A 148 -1.55 6.18 3.44
CA VAL A 148 -2.16 6.23 2.12
C VAL A 148 -3.55 5.65 2.22
N THR A 149 -4.39 6.03 1.27
CA THR A 149 -5.65 5.34 1.12
C THR A 149 -5.64 4.60 -0.20
N ALA A 150 -6.59 3.69 -0.36
CA ALA A 150 -6.72 2.93 -1.60
C ALA A 150 -7.98 3.47 -2.28
N GLY A 151 -7.81 3.91 -3.50
CA GLY A 151 -8.88 4.55 -4.24
C GLY A 151 -8.66 4.30 -5.69
N ILE A 152 -9.16 5.20 -6.53
CA ILE A 152 -8.95 5.06 -7.96
C ILE A 152 -8.41 6.37 -8.49
N VAL A 153 -7.30 6.29 -9.21
CA VAL A 153 -6.79 7.44 -9.95
C VAL A 153 -7.49 7.52 -11.28
N TYR A 154 -7.95 8.71 -11.66
CA TYR A 154 -8.79 8.83 -12.83
C TYR A 154 -8.49 10.15 -13.53
N ASN A 155 -8.79 10.18 -14.81
CA ASN A 155 -8.57 11.37 -15.62
C ASN A 155 -9.89 12.11 -15.77
N LYS A 156 -9.95 13.31 -15.19
CA LYS A 156 -11.19 14.11 -15.19
C LYS A 156 -11.60 14.55 -16.58
N LYS A 157 -10.63 14.83 -17.46
CA LYS A 157 -10.98 15.23 -18.81
C LYS A 157 -11.61 14.08 -19.57
N VAL A 158 -11.07 12.88 -19.42
CA VAL A 158 -11.68 11.72 -20.05
C VAL A 158 -13.08 11.49 -19.51
N PHE A 159 -13.26 11.64 -18.21
CA PHE A 159 -14.60 11.49 -17.63
C PHE A 159 -15.58 12.50 -18.22
N GLU A 160 -15.15 13.76 -18.38
CA GLU A 160 -16.03 14.76 -18.98
C GLU A 160 -16.35 14.42 -20.43
N GLU A 161 -15.38 13.90 -21.18
CA GLU A 161 -15.65 13.53 -22.56
C GLU A 161 -16.66 12.40 -22.64
N ALA A 162 -16.60 11.47 -21.68
CA ALA A 162 -17.53 10.35 -21.62
C ALA A 162 -18.92 10.78 -21.13
N GLY A 163 -19.07 12.01 -20.65
CA GLY A 163 -20.37 12.42 -20.17
C GLY A 163 -20.69 11.93 -18.78
N ILE A 164 -19.68 11.50 -18.02
CA ILE A 164 -19.89 11.08 -16.65
C ILE A 164 -20.15 12.32 -15.81
N LYS A 165 -21.31 12.37 -15.17
CA LYS A 165 -21.76 13.53 -14.41
C LYS A 165 -21.31 13.48 -12.96
N GLU A 166 -21.52 12.36 -12.29
CA GLU A 166 -21.15 12.13 -10.90
C GLU A 166 -20.20 10.95 -10.83
N LEU A 167 -19.36 10.92 -9.81
CA LEU A 167 -18.43 9.81 -9.67
C LEU A 167 -19.19 8.54 -9.31
N PRO A 168 -18.78 7.39 -9.86
CA PRO A 168 -19.49 6.13 -9.58
C PRO A 168 -19.28 5.70 -8.14
N LYS A 169 -20.34 5.16 -7.53
CA LYS A 169 -20.29 4.77 -6.14
C LYS A 169 -20.62 3.31 -5.90
N THR A 170 -21.02 2.57 -6.92
CA THR A 170 -21.31 1.15 -6.84
C THR A 170 -20.59 0.47 -7.99
N PRO A 171 -20.43 -0.85 -7.92
CA PRO A 171 -19.80 -1.55 -9.06
C PRO A 171 -20.58 -1.41 -10.34
N GLU A 172 -21.92 -1.40 -10.24
CA GLU A 172 -22.72 -1.32 -11.46
C GLU A 172 -22.57 0.04 -12.13
N GLU A 173 -22.54 1.12 -11.34
CA GLU A 173 -22.26 2.45 -11.86
C GLU A 173 -20.87 2.53 -12.49
N PHE A 174 -19.88 1.92 -11.84
CA PHE A 174 -18.51 1.93 -12.40
C PHE A 174 -18.48 1.29 -13.79
N GLN A 175 -19.03 0.07 -13.91
CA GLN A 175 -19.04 -0.61 -15.21
C GLN A 175 -19.82 0.21 -16.26
N ALA A 176 -20.89 0.88 -15.84
CA ALA A 176 -21.61 1.76 -16.75
C ALA A 176 -20.71 2.90 -17.20
N ASP A 177 -19.90 3.44 -16.29
CA ASP A 177 -18.98 4.51 -16.66
C ASP A 177 -17.84 4.00 -17.56
N LEU A 178 -17.31 2.81 -17.27
CA LEU A 178 -16.28 2.27 -18.14
C LEU A 178 -16.81 2.09 -19.56
N LYS A 179 -18.06 1.67 -19.70
CA LYS A 179 -18.65 1.51 -21.03
C LYS A 179 -18.78 2.85 -21.75
N LEU A 180 -19.19 3.91 -21.05
CA LEU A 180 -19.24 5.22 -21.66
C LEU A 180 -17.86 5.66 -22.14
N ILE A 181 -16.83 5.44 -21.32
CA ILE A 181 -15.47 5.80 -21.69
C ILE A 181 -15.07 5.02 -22.94
N LYS A 182 -15.38 3.74 -22.97
CA LYS A 182 -15.00 2.92 -24.11
C LYS A 182 -15.69 3.41 -25.37
N GLU A 183 -16.96 3.78 -25.26
CA GLU A 183 -17.72 4.06 -26.46
C GLU A 183 -17.52 5.48 -26.94
N LYS A 184 -17.22 6.41 -26.05
CA LYS A 184 -17.18 7.80 -26.43
C LYS A 184 -15.81 8.45 -26.36
N THR A 185 -14.81 7.81 -25.79
CA THR A 185 -13.48 8.41 -25.77
C THR A 185 -12.50 7.45 -26.42
N LYS A 186 -11.23 7.88 -26.45
CA LYS A 186 -10.14 7.06 -26.97
C LYS A 186 -9.28 6.46 -25.87
N ALA A 187 -9.71 6.54 -24.63
CA ALA A 187 -8.88 6.08 -23.52
C ALA A 187 -9.15 4.61 -23.20
N VAL A 188 -8.13 3.94 -22.70
CA VAL A 188 -8.35 2.63 -22.07
C VAL A 188 -9.19 2.89 -20.81
N PRO A 189 -10.38 2.31 -20.67
CA PRO A 189 -11.19 2.64 -19.48
C PRO A 189 -10.51 2.27 -18.16
N LEU A 190 -9.95 1.07 -18.05
CA LEU A 190 -9.24 0.67 -16.84
C LEU A 190 -7.98 -0.06 -17.27
N TYR A 191 -6.82 0.47 -16.89
CA TYR A 191 -5.55 -0.13 -17.24
C TYR A 191 -5.11 -1.00 -16.09
N THR A 192 -4.83 -2.27 -16.37
CA THR A 192 -4.65 -3.19 -15.27
C THR A 192 -3.25 -3.19 -14.70
N ASN A 193 -2.24 -2.78 -15.48
CA ASN A 193 -0.83 -2.97 -15.10
C ASN A 193 -0.60 -4.41 -14.66
N PHE A 194 -1.20 -5.33 -15.40
CA PHE A 194 -1.07 -6.76 -15.14
C PHE A 194 0.37 -7.16 -14.89
N VAL A 195 1.32 -6.56 -15.61
CA VAL A 195 2.67 -7.12 -15.58
C VAL A 195 3.34 -6.85 -14.23
N GLU A 196 2.95 -5.79 -13.52
CA GLU A 196 3.50 -5.49 -12.21
C GLU A 196 2.76 -6.31 -11.16
N ASP A 197 3.44 -7.26 -10.54
CA ASP A 197 2.80 -8.05 -9.51
C ASP A 197 2.19 -7.17 -8.42
N TRP A 198 2.89 -6.10 -8.02
CA TRP A 198 2.42 -5.29 -6.91
C TRP A 198 1.17 -4.51 -7.33
N ALA A 199 1.06 -4.17 -8.62
CA ALA A 199 -0.13 -3.45 -9.05
C ALA A 199 -1.36 -4.35 -9.04
N MET A 200 -1.15 -5.63 -9.36
CA MET A 200 -2.26 -6.58 -9.27
C MET A 200 -2.62 -6.90 -7.81
N GLY A 201 -1.57 -7.07 -6.99
CA GLY A 201 -1.80 -7.34 -5.59
C GLY A 201 -2.52 -6.22 -4.86
N ALA A 202 -2.41 -4.99 -5.37
CA ALA A 202 -3.07 -3.84 -4.77
C ALA A 202 -4.57 -4.01 -4.66
N TRP A 203 -5.17 -4.86 -5.50
CA TRP A 203 -6.60 -5.06 -5.39
C TRP A 203 -7.00 -5.60 -4.02
N ASP A 204 -6.08 -6.25 -3.31
CA ASP A 204 -6.38 -6.73 -1.96
C ASP A 204 -6.54 -5.58 -0.98
N GLN A 205 -6.13 -4.37 -1.36
CA GLN A 205 -6.20 -3.24 -0.45
C GLN A 205 -7.60 -2.69 -0.28
N TYR A 206 -8.56 -3.19 -1.05
CA TYR A 206 -9.91 -2.64 -1.04
C TYR A 206 -10.92 -3.54 -0.37
N ILE A 207 -10.56 -4.76 -0.02
CA ILE A 207 -11.58 -5.76 0.25
C ILE A 207 -12.07 -5.77 1.69
N ALA A 208 -11.44 -5.02 2.60
CA ALA A 208 -11.79 -5.05 4.00
C ALA A 208 -12.52 -3.78 4.34
N GLY A 209 -11.88 -2.78 4.93
CA GLY A 209 -12.61 -1.59 5.33
C GLY A 209 -13.36 -0.93 4.18
N ASN A 210 -12.74 -0.86 3.00
CA ASN A 210 -13.37 -0.17 1.89
C ASN A 210 -14.63 -0.87 1.45
N ALA A 211 -14.60 -2.20 1.43
CA ALA A 211 -15.72 -2.96 0.89
C ALA A 211 -16.75 -3.31 1.96
N THR A 212 -16.44 -3.11 3.25
CA THR A 212 -17.34 -3.55 4.31
C THR A 212 -17.73 -2.47 5.28
N GLY A 213 -17.00 -1.37 5.35
CA GLY A 213 -17.15 -0.37 6.38
C GLY A 213 -16.72 -0.79 7.77
N ASP A 214 -16.14 -1.98 7.93
CA ASP A 214 -15.83 -2.50 9.26
C ASP A 214 -14.33 -2.46 9.54
N PRO A 215 -13.86 -1.59 10.44
CA PRO A 215 -12.42 -1.54 10.74
C PRO A 215 -11.86 -2.81 11.31
N LYS A 216 -12.72 -3.68 11.83
CA LYS A 216 -12.28 -4.96 12.36
C LYS A 216 -12.25 -6.06 11.30
N PHE A 217 -12.63 -5.76 10.04
CA PHE A 217 -12.77 -6.84 9.08
C PHE A 217 -11.43 -7.52 8.79
N MET A 218 -10.39 -6.72 8.55
CA MET A 218 -9.12 -7.28 8.10
C MET A 218 -8.50 -8.21 9.15
N ASN A 219 -8.36 -7.73 10.39
CA ASN A 219 -7.61 -8.48 11.39
C ASN A 219 -8.47 -9.36 12.26
N GLN A 220 -9.79 -9.17 12.27
CA GLN A 220 -10.65 -10.00 13.11
C GLN A 220 -11.58 -10.88 12.28
N VAL A 221 -12.39 -10.28 11.40
CA VAL A 221 -13.44 -11.03 10.71
C VAL A 221 -12.84 -11.97 9.67
N LEU A 222 -12.04 -11.42 8.77
CA LEU A 222 -11.48 -12.20 7.66
C LEU A 222 -10.83 -13.49 8.10
N PRO A 223 -9.89 -13.51 9.05
CA PRO A 223 -9.23 -14.76 9.42
C PRO A 223 -10.06 -15.67 10.31
N THR A 224 -11.25 -15.25 10.73
CA THR A 224 -12.15 -16.14 11.46
C THR A 224 -13.36 -16.55 10.63
N THR A 225 -13.45 -16.13 9.36
CA THR A 225 -14.57 -16.43 8.47
C THR A 225 -14.14 -17.44 7.42
N LYS A 226 -14.86 -18.56 7.33
CA LYS A 226 -14.37 -19.63 6.47
C LYS A 226 -14.45 -19.30 4.97
N GLU A 227 -15.50 -18.60 4.53
CA GLU A 227 -15.67 -18.30 3.11
C GLU A 227 -15.90 -16.80 2.91
N PRO A 228 -14.85 -16.00 3.12
CA PRO A 228 -15.03 -14.54 3.04
C PRO A 228 -15.13 -13.98 1.62
N PHE A 229 -14.85 -14.78 0.61
CA PHE A 229 -14.87 -14.30 -0.76
C PHE A 229 -16.19 -14.58 -1.45
N LYS A 230 -17.14 -15.19 -0.74
CA LYS A 230 -18.46 -15.41 -1.27
C LYS A 230 -19.21 -14.10 -1.44
N LYS A 231 -20.13 -14.08 -2.39
CA LYS A 231 -21.03 -12.95 -2.54
C LYS A 231 -21.84 -12.77 -1.28
N ASP A 232 -22.01 -11.52 -0.87
CA ASP A 232 -22.82 -11.17 0.29
C ASP A 232 -24.29 -11.11 -0.16
N ALA A 233 -25.12 -12.02 0.34
CA ALA A 233 -26.50 -12.08 -0.14
C ALA A 233 -27.23 -10.75 0.07
N SER A 234 -27.07 -10.15 1.24
CA SER A 234 -27.86 -8.98 1.57
C SER A 234 -27.39 -7.75 0.83
N ALA A 235 -26.14 -7.75 0.38
CA ALA A 235 -25.50 -6.55 -0.14
C ALA A 235 -24.48 -6.99 -1.15
N PRO A 236 -24.94 -7.56 -2.26
CA PRO A 236 -24.02 -8.26 -3.17
C PRO A 236 -23.01 -7.36 -3.83
N ASP A 237 -23.10 -6.23 -3.89
CA ASP A 237 -22.26 -5.11 -4.27
C ASP A 237 -21.35 -4.63 -3.15
N THR A 238 -21.18 -5.34 -2.17
CA THR A 238 -20.21 -5.03 -1.13
C THR A 238 -19.36 -6.27 -0.85
N HIS A 239 -18.47 -6.11 0.13
CA HIS A 239 -17.58 -7.16 0.62
C HIS A 239 -16.54 -7.54 -0.45
N PRO A 240 -15.58 -8.42 -0.08
CA PRO A 240 -14.47 -8.67 -1.03
C PRO A 240 -14.93 -9.14 -2.41
N TYR A 241 -15.97 -9.97 -2.48
CA TYR A 241 -16.47 -10.44 -3.78
C TYR A 241 -16.69 -9.27 -4.74
N ALA A 242 -17.27 -8.18 -4.25
CA ALA A 242 -17.59 -7.10 -5.17
C ALA A 242 -16.35 -6.45 -5.72
N VAL A 243 -15.25 -6.50 -4.96
CA VAL A 243 -14.00 -5.88 -5.41
C VAL A 243 -13.41 -6.70 -6.55
N TYR A 244 -13.23 -7.99 -6.32
CA TYR A 244 -12.62 -8.84 -7.33
C TYR A 244 -13.49 -8.96 -8.56
N LYS A 245 -14.82 -8.95 -8.39
CA LYS A 245 -15.72 -8.95 -9.54
C LYS A 245 -15.61 -7.65 -10.32
N THR A 246 -15.27 -6.55 -9.66
CA THR A 246 -15.03 -5.32 -10.40
C THR A 246 -13.92 -5.51 -11.43
N LEU A 247 -12.79 -6.08 -10.99
CA LEU A 247 -11.70 -6.34 -11.93
C LEU A 247 -12.13 -7.35 -12.98
N TYR A 248 -12.74 -8.46 -12.54
CA TYR A 248 -13.19 -9.49 -13.46
C TYR A 248 -14.08 -8.90 -14.54
N ASP A 249 -15.09 -8.14 -14.14
CA ASP A 249 -16.07 -7.65 -15.11
C ASP A 249 -15.44 -6.64 -16.06
N ALA A 250 -14.56 -5.78 -15.55
CA ALA A 250 -13.93 -4.79 -16.41
C ALA A 250 -13.15 -5.46 -17.52
N VAL A 251 -12.46 -6.57 -17.21
CA VAL A 251 -11.71 -7.31 -18.23
C VAL A 251 -12.66 -8.07 -19.16
N ALA A 252 -13.65 -8.75 -18.58
CA ALA A 252 -14.55 -9.57 -19.38
C ALA A 252 -15.38 -8.72 -20.31
N ASN A 253 -15.76 -7.52 -19.86
CA ASN A 253 -16.55 -6.56 -20.66
C ASN A 253 -15.72 -5.88 -21.74
N GLY A 254 -14.42 -6.15 -21.81
CA GLY A 254 -13.57 -5.53 -22.80
C GLY A 254 -13.26 -4.08 -22.49
N TYR A 255 -13.24 -3.71 -21.21
CA TYR A 255 -12.97 -2.34 -20.80
C TYR A 255 -11.55 -2.13 -20.30
N THR A 256 -10.64 -3.09 -20.52
CA THR A 256 -9.23 -2.94 -20.14
C THR A 256 -8.36 -2.97 -21.40
N GLU A 257 -7.06 -2.88 -21.20
CA GLU A 257 -6.14 -2.79 -22.32
C GLU A 257 -6.25 -4.04 -23.19
N GLU A 258 -5.90 -3.85 -24.47
CA GLU A 258 -6.04 -4.94 -25.43
C GLU A 258 -5.23 -6.16 -24.99
N ASP A 259 -4.01 -5.91 -24.53
CA ASP A 259 -3.09 -7.00 -24.20
C ASP A 259 -2.53 -6.84 -22.80
N TYR A 260 -3.11 -7.56 -21.85
CA TYR A 260 -2.64 -7.49 -20.49
C TYR A 260 -1.21 -8.01 -20.33
N SER A 261 -0.72 -8.86 -21.23
CA SER A 261 0.57 -9.49 -20.99
C SER A 261 1.72 -8.53 -21.27
N THR A 262 1.45 -7.37 -21.84
CA THR A 262 2.51 -6.43 -22.18
C THR A 262 2.25 -5.03 -21.65
N THR A 263 1.48 -4.90 -20.56
CA THR A 263 1.35 -3.58 -19.96
C THR A 263 2.70 -3.06 -19.50
N ASP A 264 2.78 -1.74 -19.35
CA ASP A 264 4.02 -1.11 -18.90
C ASP A 264 3.74 0.00 -17.90
N TRP A 265 4.27 -0.16 -16.69
CA TRP A 265 3.97 0.74 -15.58
C TRP A 265 4.43 2.16 -15.84
N GLU A 266 5.69 2.34 -16.26
CA GLU A 266 6.27 3.66 -16.33
C GLU A 266 5.60 4.50 -17.40
N SER A 267 5.30 3.89 -18.56
CA SER A 267 4.57 4.63 -19.59
C SER A 267 3.12 4.84 -19.21
N SER A 268 2.56 3.98 -18.36
CA SER A 268 1.16 4.18 -17.97
C SER A 268 0.98 5.50 -17.26
N LYS A 269 2.00 5.98 -16.54
CA LYS A 269 1.90 7.28 -15.89
C LYS A 269 1.64 8.37 -16.92
N GLY A 270 2.47 8.44 -17.95
CA GLY A 270 2.29 9.47 -18.95
C GLY A 270 0.96 9.33 -19.67
N LYS A 271 0.53 8.09 -19.90
CA LYS A 271 -0.72 7.86 -20.60
C LYS A 271 -1.92 8.37 -19.79
N MET A 272 -1.93 8.15 -18.47
CA MET A 272 -2.97 8.71 -17.61
C MET A 272 -2.98 10.23 -17.71
N ASN A 273 -1.79 10.85 -17.58
CA ASN A 273 -1.69 12.29 -17.61
C ASN A 273 -2.23 12.85 -18.92
N ASN A 274 -2.04 12.13 -20.01
CA ASN A 274 -2.39 12.65 -21.32
C ASN A 274 -3.76 12.16 -21.77
N GLY A 275 -4.48 11.44 -20.91
CA GLY A 275 -5.84 11.03 -21.21
C GLY A 275 -5.99 9.82 -22.10
N GLU A 276 -4.97 8.95 -22.18
CA GLU A 276 -5.01 7.69 -22.92
C GLU A 276 -5.43 6.54 -22.03
N ILE A 277 -5.43 6.75 -20.73
CA ILE A 277 -5.98 5.82 -19.76
C ILE A 277 -6.97 6.59 -18.89
N ALA A 278 -8.13 6.00 -18.63
CA ALA A 278 -9.12 6.72 -17.84
C ALA A 278 -9.03 6.43 -16.35
N THR A 279 -8.81 5.17 -15.96
CA THR A 279 -8.69 4.84 -14.56
C THR A 279 -7.60 3.80 -14.29
N MET A 280 -7.04 3.89 -13.09
CA MET A 280 -6.15 2.88 -12.55
C MET A 280 -6.45 2.72 -11.07
N VAL A 281 -6.56 1.48 -10.61
CA VAL A 281 -6.93 1.19 -9.24
C VAL A 281 -5.63 1.17 -8.44
N LEU A 282 -5.30 2.30 -7.84
CA LEU A 282 -4.02 2.47 -7.16
C LEU A 282 -4.24 3.31 -5.93
N GLY A 283 -3.33 3.21 -4.98
CA GLY A 283 -3.44 4.02 -3.81
C GLY A 283 -3.06 5.46 -4.07
N ALA A 284 -3.32 6.31 -3.07
CA ALA A 284 -3.17 7.76 -3.19
C ALA A 284 -1.73 8.17 -3.51
N TRP A 285 -0.76 7.32 -3.15
CA TRP A 285 0.64 7.62 -3.47
C TRP A 285 0.86 7.81 -4.97
N ALA A 286 -0.05 7.31 -5.80
CA ALA A 286 0.13 7.35 -7.25
C ALA A 286 -0.26 8.70 -7.83
N VAL A 287 -1.06 9.47 -7.11
CA VAL A 287 -1.54 10.75 -7.66
C VAL A 287 -0.41 11.66 -8.05
N PRO A 288 0.57 11.99 -7.20
CA PRO A 288 1.65 12.87 -7.65
C PRO A 288 2.47 12.28 -8.79
N GLN A 289 2.63 10.97 -8.83
CA GLN A 289 3.42 10.36 -9.91
C GLN A 289 2.71 10.50 -11.25
N MET A 290 1.38 10.33 -11.25
CA MET A 290 0.62 10.60 -12.47
C MET A 290 0.66 12.08 -12.83
N LYS A 291 0.60 12.96 -11.85
CA LYS A 291 0.51 14.39 -12.16
C LYS A 291 1.82 14.90 -12.73
N GLN A 292 2.93 14.38 -12.20
CA GLN A 292 4.27 14.74 -12.64
C GLN A 292 4.61 14.14 -13.99
N ALA A 293 3.81 13.21 -14.49
CA ALA A 293 4.25 12.49 -15.68
C ALA A 293 4.01 13.25 -16.96
N GLY A 294 3.34 14.41 -16.92
CA GLY A 294 3.14 15.15 -18.15
C GLY A 294 2.46 16.47 -17.90
N ASP A 295 2.02 17.10 -18.97
CA ASP A 295 1.62 18.50 -19.00
C ASP A 295 0.25 18.78 -18.36
N HIS A 296 -0.53 17.75 -18.01
CA HIS A 296 -1.91 17.94 -17.59
C HIS A 296 -2.16 17.48 -16.16
N PRO A 297 -1.34 17.91 -15.20
CA PRO A 297 -1.60 17.54 -13.80
C PRO A 297 -3.02 17.82 -13.33
N ASP A 298 -3.62 18.90 -13.80
CA ASP A 298 -4.96 19.23 -13.32
C ASP A 298 -6.03 18.25 -13.80
N ASP A 299 -5.72 17.41 -14.77
CA ASP A 299 -6.67 16.41 -15.22
C ASP A 299 -6.65 15.14 -14.36
N ILE A 300 -5.71 15.03 -13.43
CA ILE A 300 -5.63 13.86 -12.54
C ILE A 300 -6.52 14.09 -11.33
N GLY A 301 -7.43 13.16 -11.08
CA GLY A 301 -8.26 13.18 -9.90
C GLY A 301 -8.10 11.88 -9.13
N TYR A 302 -8.71 11.85 -7.96
CA TYR A 302 -8.63 10.68 -7.10
C TYR A 302 -10.01 10.48 -6.49
N MET A 303 -10.55 9.29 -6.64
CA MET A 303 -11.88 9.01 -6.14
C MET A 303 -11.89 7.79 -5.25
N PRO A 304 -12.89 7.68 -4.39
CA PRO A 304 -13.05 6.44 -3.63
C PRO A 304 -13.32 5.28 -4.55
N PHE A 305 -12.93 4.08 -4.12
CA PHE A 305 -13.33 2.88 -4.82
C PHE A 305 -14.85 2.82 -4.86
N PRO A 306 -15.45 2.39 -5.96
CA PRO A 306 -16.92 2.47 -6.09
C PRO A 306 -17.69 1.36 -5.40
N ILE A 307 -17.60 1.34 -4.08
CA ILE A 307 -18.48 0.54 -3.25
C ILE A 307 -19.10 1.47 -2.22
N THR A 308 -20.40 1.29 -2.01
CA THR A 308 -21.16 1.99 -0.98
C THR A 308 -21.70 0.96 0.00
N VAL A 309 -21.49 1.20 1.28
CA VAL A 309 -21.92 0.32 2.35
C VAL A 309 -23.02 1.03 3.12
N ASP A 310 -24.26 0.52 3.02
CA ASP A 310 -25.39 1.07 3.76
C ASP A 310 -25.41 2.59 3.60
N GLY A 311 -25.23 3.05 2.37
CA GLY A 311 -25.29 4.45 2.07
C GLY A 311 -24.06 5.28 2.33
N LYS A 312 -22.95 4.69 2.77
CA LYS A 312 -21.73 5.45 3.00
C LYS A 312 -20.55 4.77 2.32
N GLN A 313 -19.63 5.57 1.82
CA GLN A 313 -18.39 5.06 1.27
C GLN A 313 -17.32 5.14 2.34
N TYR A 314 -16.39 4.17 2.31
CA TYR A 314 -15.32 4.05 3.28
C TYR A 314 -13.98 3.93 2.57
N ALA A 315 -12.95 4.46 3.22
CA ALA A 315 -11.58 4.31 2.75
C ALA A 315 -10.68 4.10 3.96
N THR A 316 -9.88 3.03 3.92
CA THR A 316 -8.93 2.73 4.98
C THR A 316 -7.65 3.53 4.77
N ILE A 317 -7.15 4.15 5.82
CA ILE A 317 -5.82 4.74 5.80
C ILE A 317 -4.86 3.73 6.39
N ALA A 318 -3.79 3.46 5.66
CA ALA A 318 -2.83 2.45 6.07
C ALA A 318 -1.45 2.91 5.63
N GLY A 319 -0.43 2.27 6.21
CA GLY A 319 0.90 2.50 5.76
C GLY A 319 1.08 1.92 4.36
N ASP A 320 1.83 2.65 3.55
CA ASP A 320 2.25 2.11 2.25
C ASP A 320 3.36 1.08 2.42
N TYR A 321 4.49 1.51 2.99
CA TYR A 321 5.65 0.68 3.26
C TYR A 321 6.29 1.21 4.55
N SER A 322 6.69 0.32 5.44
CA SER A 322 7.22 0.74 6.73
C SER A 322 8.72 0.52 6.80
N TYR A 323 9.40 1.46 7.45
CA TYR A 323 10.83 1.31 7.72
C TYR A 323 11.09 0.28 8.82
N GLY A 324 11.99 -0.66 8.53
CA GLY A 324 12.47 -1.58 9.54
C GLY A 324 13.98 -1.60 9.55
N ILE A 325 14.53 -1.84 10.74
CA ILE A 325 15.97 -1.78 11.00
C ILE A 325 16.48 -3.19 11.29
N ASN A 326 17.62 -3.52 10.69
CA ASN A 326 18.22 -4.86 10.76
C ASN A 326 18.73 -5.15 12.17
N LYS A 327 18.19 -6.15 12.83
CA LYS A 327 18.70 -6.44 14.15
C LYS A 327 20.14 -6.95 14.13
N ASN A 328 20.63 -7.38 12.99
CA ASN A 328 21.98 -7.95 12.94
C ASN A 328 23.08 -6.91 12.99
N ILE A 329 22.77 -5.63 12.80
CA ILE A 329 23.83 -4.66 12.65
C ILE A 329 24.28 -4.14 14.01
N SER A 330 25.40 -3.43 14.01
CA SER A 330 26.04 -2.95 15.24
C SER A 330 25.13 -1.97 15.97
N LYS A 331 25.40 -1.76 17.27
CA LYS A 331 24.60 -0.79 18.02
C LYS A 331 24.69 0.59 17.38
N GLU A 332 25.87 0.95 16.87
CA GLU A 332 26.04 2.27 16.26
C GLU A 332 25.13 2.41 15.05
N LYS A 333 25.10 1.40 14.17
CA LYS A 333 24.28 1.48 12.97
C LYS A 333 22.81 1.36 13.28
N GLN A 334 22.44 0.58 14.29
CA GLN A 334 21.06 0.56 14.74
C GLN A 334 20.61 1.95 15.16
N GLU A 335 21.44 2.67 15.92
CA GLU A 335 21.04 3.98 16.38
C GLU A 335 21.06 4.99 15.24
N ALA A 336 22.09 4.94 14.40
CA ALA A 336 22.11 5.81 13.22
C ALA A 336 20.86 5.60 12.37
N SER A 337 20.46 4.34 12.21
CA SER A 337 19.31 4.04 11.37
C SER A 337 18.02 4.55 12.00
N MET A 338 17.91 4.44 13.32
CA MET A 338 16.69 4.89 14.00
C MET A 338 16.58 6.40 14.00
N ILE A 339 17.73 7.08 14.09
CA ILE A 339 17.76 8.53 13.89
C ILE A 339 17.26 8.90 12.49
N PHE A 340 17.76 8.22 11.45
CA PHE A 340 17.33 8.54 10.10
C PHE A 340 15.82 8.26 9.92
N VAL A 341 15.33 7.15 10.45
CA VAL A 341 13.89 6.89 10.35
C VAL A 341 13.10 7.98 11.05
N LYS A 342 13.52 8.37 12.25
CA LYS A 342 12.77 9.40 12.94
C LYS A 342 12.85 10.72 12.19
N TRP A 343 14.01 11.02 11.60
CA TRP A 343 14.15 12.21 10.78
C TRP A 343 13.20 12.13 9.58
N MET A 344 13.20 10.98 8.91
CA MET A 344 12.26 10.79 7.80
C MET A 344 10.83 11.05 8.27
N THR A 345 10.47 10.52 9.44
CA THR A 345 9.09 10.61 9.92
C THR A 345 8.74 12.03 10.33
N GLU A 346 9.59 12.68 11.11
CA GLU A 346 9.20 13.93 11.74
C GLU A 346 9.64 15.16 10.97
N ASP A 347 10.73 15.07 10.20
CA ASP A 347 11.35 16.26 9.62
C ASP A 347 11.43 16.30 8.10
N SER A 348 11.53 15.15 7.43
CA SER A 348 11.90 15.13 6.02
C SER A 348 10.91 15.85 5.13
N GLY A 349 9.62 15.74 5.43
CA GLY A 349 8.60 16.15 4.49
C GLY A 349 8.20 15.11 3.47
N PHE A 350 8.71 13.87 3.58
CA PHE A 350 8.39 12.85 2.59
C PHE A 350 6.87 12.70 2.38
N ALA A 351 6.11 12.61 3.47
CA ALA A 351 4.68 12.43 3.32
C ALA A 351 4.03 13.62 2.61
N LYS A 352 4.40 14.85 3.00
CA LYS A 352 3.84 16.03 2.34
C LYS A 352 4.16 16.03 0.84
N ASN A 353 5.27 15.42 0.45
CA ASN A 353 5.75 15.54 -0.93
C ASN A 353 5.23 14.46 -1.85
N GLU A 354 5.02 13.28 -1.31
CA GLU A 354 4.52 12.14 -2.04
C GLU A 354 3.02 11.99 -1.89
N GLY A 355 2.35 13.07 -1.49
CA GLY A 355 0.90 13.08 -1.46
C GLY A 355 0.27 12.16 -0.44
N GLY A 356 0.92 11.97 0.72
CA GLY A 356 0.39 11.10 1.74
C GLY A 356 0.20 11.79 3.09
N ILE A 357 -0.33 11.01 4.01
CA ILE A 357 -0.70 11.51 5.34
C ILE A 357 0.51 11.38 6.24
N PRO A 358 0.97 12.46 6.89
CA PRO A 358 2.13 12.35 7.77
C PRO A 358 1.87 11.41 8.93
N ILE A 359 2.96 10.78 9.38
CA ILE A 359 2.89 9.75 10.40
C ILE A 359 3.23 10.27 11.78
N LYS A 360 3.94 11.39 11.91
CA LYS A 360 4.12 11.98 13.23
C LYS A 360 2.76 12.16 13.89
N ALA A 361 2.64 11.70 15.13
CA ALA A 361 1.34 11.55 15.75
C ALA A 361 0.56 12.85 15.76
N ASP A 362 1.26 13.97 15.96
CA ASP A 362 0.58 15.24 16.23
C ASP A 362 0.39 16.11 15.00
N ASP A 363 0.58 15.57 13.81
CA ASP A 363 0.42 16.29 12.56
C ASP A 363 -0.89 15.84 11.95
N GLU A 364 -1.90 16.70 11.95
CA GLU A 364 -3.15 16.31 11.33
C GLU A 364 -3.35 16.97 9.97
N SER A 365 -2.26 17.39 9.31
CA SER A 365 -2.38 17.87 7.94
C SER A 365 -2.66 16.72 6.98
N MET A 366 -3.37 17.04 5.89
CA MET A 366 -3.87 16.07 4.92
C MET A 366 -3.50 16.47 3.50
N PRO A 367 -3.02 15.53 2.65
CA PRO A 367 -2.81 15.88 1.25
C PRO A 367 -4.05 16.56 0.67
N GLU A 368 -3.82 17.43 -0.32
CA GLU A 368 -4.94 18.06 -1.03
C GLU A 368 -5.69 17.07 -1.94
N THR A 369 -5.14 15.85 -2.11
CA THR A 369 -5.79 14.77 -2.87
C THR A 369 -7.14 14.37 -2.30
N TYR A 370 -7.34 14.66 -1.03
CA TYR A 370 -8.56 14.32 -0.32
C TYR A 370 -9.52 15.47 -0.43
N GLU A 371 -10.01 15.68 -1.70
CA GLU A 371 -11.13 16.57 -1.87
C GLU A 371 -12.37 15.99 -2.51
N THR A 372 -12.23 14.80 -3.24
CA THR A 372 -13.46 14.07 -3.54
C THR A 372 -13.97 13.14 -2.35
N PHE A 373 -13.38 13.34 -1.17
CA PHE A 373 -13.49 12.42 -0.04
C PHE A 373 -14.20 13.07 1.13
N SER A 374 -14.92 14.18 0.90
CA SER A 374 -15.49 14.94 1.99
C SER A 374 -16.58 14.16 2.70
N ASP A 375 -17.33 13.33 1.97
CA ASP A 375 -18.37 12.50 2.55
C ASP A 375 -17.91 11.07 2.79
N VAL A 376 -16.63 10.81 2.65
CA VAL A 376 -16.09 9.47 2.84
C VAL A 376 -15.69 9.27 4.30
N GLU A 377 -16.00 8.11 4.86
CA GLU A 377 -15.59 7.79 6.21
C GLU A 377 -14.18 7.20 6.12
N LEU A 378 -13.21 7.93 6.66
CA LEU A 378 -11.83 7.46 6.66
C LEU A 378 -11.57 6.68 7.95
N ILE A 379 -11.15 5.42 7.80
CA ILE A 379 -11.00 4.51 8.90
C ILE A 379 -9.61 3.88 8.85
N THR A 380 -9.22 3.24 9.94
CA THR A 380 -8.01 2.44 10.00
C THR A 380 -8.35 1.05 10.53
N ASP A 381 -7.53 0.09 10.14
CA ASP A 381 -7.75 -1.29 10.56
C ASP A 381 -7.55 -1.41 12.07
N ALA A 382 -8.57 -1.91 12.76
CA ALA A 382 -8.45 -2.22 14.17
C ALA A 382 -7.52 -3.42 14.40
N PRO A 383 -6.81 -3.45 15.51
CA PRO A 383 -6.02 -4.65 15.84
C PRO A 383 -6.95 -5.80 16.14
N ALA A 384 -6.41 -7.00 16.00
CA ALA A 384 -7.15 -8.18 16.39
C ALA A 384 -7.38 -8.15 17.90
N LYS A 385 -8.28 -9.00 18.38
CA LYS A 385 -8.41 -9.18 19.80
C LYS A 385 -7.10 -9.70 20.40
N GLU A 386 -6.96 -9.52 21.71
CA GLU A 386 -5.74 -9.91 22.39
C GLU A 386 -5.48 -11.39 22.18
N GLY A 387 -4.28 -11.72 21.72
CA GLY A 387 -3.91 -13.08 21.45
C GLY A 387 -4.12 -13.52 20.02
N GLN A 388 -4.76 -12.69 19.18
CA GLN A 388 -5.04 -13.02 17.80
C GLN A 388 -4.21 -12.20 16.83
N GLU A 389 -3.14 -11.55 17.32
CA GLU A 389 -2.41 -10.63 16.46
C GLU A 389 -1.86 -11.34 15.22
N ASP A 390 -1.56 -12.61 15.37
CA ASP A 390 -0.88 -13.42 14.37
C ASP A 390 -1.85 -14.22 13.51
N LEU A 391 -3.15 -14.12 13.80
CA LEU A 391 -4.09 -15.03 13.17
C LEU A 391 -4.20 -14.77 11.66
N LEU A 392 -4.26 -13.52 11.26
CA LEU A 392 -4.36 -13.24 9.81
C LEU A 392 -3.12 -13.73 9.08
N ALA A 393 -1.93 -13.45 9.63
CA ALA A 393 -0.72 -13.87 8.96
C ALA A 393 -0.68 -15.38 8.78
N ASN A 394 -1.16 -16.12 9.79
CA ASN A 394 -1.08 -17.57 9.78
C ASN A 394 -2.12 -18.20 8.86
N VAL A 395 -3.34 -17.68 8.85
CA VAL A 395 -4.31 -18.16 7.89
C VAL A 395 -3.87 -17.83 6.49
N ASN A 396 -3.29 -16.64 6.32
CA ASN A 396 -2.79 -16.21 5.01
C ASN A 396 -1.73 -17.16 4.49
N SER A 397 -0.76 -17.47 5.33
CA SER A 397 0.29 -18.41 4.95
C SER A 397 -0.29 -19.79 4.63
N ASP A 398 -1.11 -20.34 5.52
CA ASP A 398 -1.58 -21.71 5.29
C ASP A 398 -2.53 -21.79 4.09
N SER A 399 -3.29 -20.72 3.81
CA SER A 399 -4.18 -20.71 2.67
C SER A 399 -3.43 -20.56 1.36
N GLU A 400 -2.24 -19.99 1.40
CA GLU A 400 -1.45 -19.64 0.22
C GLU A 400 -2.09 -18.53 -0.60
N LEU A 401 -2.98 -17.73 -0.01
CA LEU A 401 -3.65 -16.67 -0.73
C LEU A 401 -2.96 -15.32 -0.59
N GLY A 402 -2.22 -15.13 0.49
CA GLY A 402 -1.41 -13.93 0.58
C GLY A 402 -2.23 -12.67 0.38
N ILE A 403 -3.33 -12.58 1.11
CA ILE A 403 -4.21 -11.42 1.06
C ILE A 403 -3.48 -10.21 1.61
N ASN A 404 -3.30 -9.19 0.75
CA ASN A 404 -2.65 -7.94 1.14
C ASN A 404 -1.23 -8.19 1.67
N ASN A 405 -0.59 -9.25 1.18
CA ASN A 405 0.71 -9.67 1.69
C ASN A 405 1.51 -10.31 0.56
N GLY A 406 1.55 -9.66 -0.60
CA GLY A 406 2.51 -9.98 -1.64
C GLY A 406 1.99 -10.74 -2.84
N ASN A 407 0.83 -11.40 -2.76
CA ASN A 407 0.45 -12.35 -3.83
C ASN A 407 -0.44 -11.65 -4.85
N GLY A 408 0.19 -11.07 -5.85
CA GLY A 408 -0.50 -10.55 -7.01
C GLY A 408 -0.73 -11.59 -8.08
N LYS A 409 -0.23 -12.80 -7.89
CA LYS A 409 -0.39 -13.83 -8.92
C LYS A 409 -1.85 -14.29 -9.00
N LYS A 410 -2.53 -14.37 -7.87
CA LYS A 410 -3.92 -14.79 -7.90
C LYS A 410 -4.80 -13.76 -8.61
N ILE A 411 -4.41 -12.50 -8.56
CA ILE A 411 -5.15 -11.45 -9.22
C ILE A 411 -4.89 -11.48 -10.72
N GLN A 412 -3.65 -11.79 -11.11
CA GLN A 412 -3.35 -12.03 -12.50
C GLN A 412 -4.24 -13.15 -13.04
N ASP A 413 -4.50 -14.17 -12.22
CA ASP A 413 -5.36 -15.26 -12.65
C ASP A 413 -6.78 -14.78 -12.91
N ILE A 414 -7.27 -13.83 -12.09
CA ILE A 414 -8.58 -13.24 -12.38
C ILE A 414 -8.57 -12.65 -13.78
N VAL A 415 -7.55 -11.86 -14.10
CA VAL A 415 -7.48 -11.23 -15.41
C VAL A 415 -7.42 -12.29 -16.50
N VAL A 416 -6.59 -13.30 -16.30
CA VAL A 416 -6.43 -14.35 -17.31
C VAL A 416 -7.77 -15.06 -17.52
N ASP A 417 -8.43 -15.43 -16.41
CA ASP A 417 -9.65 -16.23 -16.50
C ASP A 417 -10.76 -15.43 -17.12
N ALA A 418 -10.83 -14.13 -16.78
CA ALA A 418 -11.88 -13.29 -17.31
C ALA A 418 -11.67 -13.01 -18.79
N ALA A 419 -10.40 -12.85 -19.21
CA ALA A 419 -10.11 -12.57 -20.62
C ALA A 419 -10.32 -13.79 -21.48
N ASN A 420 -10.02 -14.99 -20.98
CA ASN A 420 -10.17 -16.19 -21.79
C ASN A 420 -11.46 -16.96 -21.49
N ARG A 421 -12.30 -16.44 -20.60
CA ARG A 421 -13.60 -17.02 -20.27
C ARG A 421 -13.47 -18.47 -19.79
N THR A 422 -12.41 -18.76 -19.05
CA THR A 422 -12.21 -20.12 -18.55
C THR A 422 -13.05 -20.40 -17.31
N ARG A 423 -13.33 -19.36 -16.53
CA ARG A 423 -13.99 -19.48 -15.25
C ARG A 423 -14.78 -18.22 -15.01
N THR A 424 -15.87 -18.34 -14.25
CA THR A 424 -16.62 -17.18 -13.76
C THR A 424 -15.99 -16.65 -12.48
N ILE A 425 -16.34 -15.43 -12.10
CA ILE A 425 -15.79 -14.91 -10.85
C ILE A 425 -16.26 -15.79 -9.68
N ASP A 426 -17.47 -16.34 -9.78
CA ASP A 426 -17.97 -17.20 -8.72
C ASP A 426 -17.04 -18.38 -8.51
N GLN A 427 -16.64 -19.01 -9.62
CA GLN A 427 -15.79 -20.18 -9.57
C GLN A 427 -14.43 -19.85 -9.00
N ILE A 428 -13.87 -18.69 -9.38
CA ILE A 428 -12.59 -18.29 -8.82
C ILE A 428 -12.73 -18.05 -7.33
N MET A 429 -13.78 -17.34 -6.91
CA MET A 429 -13.95 -17.07 -5.50
C MET A 429 -14.19 -18.35 -4.71
N ASP A 430 -14.90 -19.32 -5.32
CA ASP A 430 -15.10 -20.60 -4.67
C ASP A 430 -13.78 -21.33 -4.45
N GLU A 431 -12.88 -21.30 -5.45
CA GLU A 431 -11.56 -21.91 -5.24
C GLU A 431 -10.84 -21.28 -4.05
N TRP A 432 -10.80 -19.95 -4.00
CA TRP A 432 -10.16 -19.30 -2.86
C TRP A 432 -10.85 -19.66 -1.54
N ASN A 433 -12.18 -19.66 -1.52
CA ASN A 433 -12.88 -19.93 -0.26
C ASN A 433 -12.50 -21.29 0.31
N GLN A 434 -12.34 -22.31 -0.55
CA GLN A 434 -12.07 -23.66 -0.05
C GLN A 434 -10.67 -23.72 0.57
N LYS A 435 -9.70 -23.04 -0.03
CA LYS A 435 -8.36 -22.98 0.54
C LYS A 435 -8.36 -22.15 1.82
N TRP A 436 -9.07 -21.03 1.83
CA TRP A 436 -9.14 -20.21 3.03
C TRP A 436 -9.87 -20.94 4.14
N ALA A 437 -10.96 -21.62 3.78
CA ALA A 437 -11.78 -22.29 4.77
C ALA A 437 -10.98 -23.35 5.53
N LYS A 438 -10.08 -24.06 4.84
CA LYS A 438 -9.23 -25.04 5.52
C LYS A 438 -8.24 -24.34 6.42
N ALA A 439 -7.71 -23.21 5.96
CA ALA A 439 -6.71 -22.48 6.75
C ALA A 439 -7.34 -21.87 7.99
N VAL A 440 -8.57 -21.39 7.89
CA VAL A 440 -9.31 -20.89 9.04
C VAL A 440 -9.52 -22.01 10.04
N GLU A 441 -9.93 -23.18 9.56
CA GLU A 441 -10.14 -24.32 10.46
C GLU A 441 -8.85 -24.72 11.17
N ASP A 442 -7.75 -24.76 10.42
CA ASP A 442 -6.50 -25.23 10.98
C ASP A 442 -5.93 -24.26 12.02
N ASN A 443 -6.35 -23.01 11.99
CA ASN A 443 -5.78 -22.01 12.88
C ASN A 443 -6.72 -21.57 13.98
N GLU A 444 -7.90 -22.17 14.07
CA GLU A 444 -8.86 -21.71 15.05
C GLU A 444 -8.44 -22.09 16.46
#